data_9NAA
#
_entry.id   9NAA
#
_cell.length_a   60.760
_cell.length_b   101.140
_cell.length_c   103.440
_cell.angle_alpha   90.000
_cell.angle_beta   90.000
_cell.angle_gamma   90.000
#
_symmetry.space_group_name_H-M   'P 21 21 21'
#
loop_
_entity.id
_entity.type
_entity.pdbx_description
1 polymer 'histidine kinase'
2 non-polymer '3-[(2Z)-2-({3-(2-carboxyethyl)-5-[(E)-(4-ethenyl-3-methyl-5-oxo-1,5-dihydro-2H-pyrrol-2-ylidene)methyl]-4-methyl-1H-pyrrol-2-yl}methylidene)-5-{(Z)-[(3E,4S)-3-ethylidene-4-methyl-5-oxopyrrolidin-2-ylidene]methyl}-4-methyl-2H-pyrrol-3-yl]propanoic acid'
3 water water
#
_entity_poly.entity_id   1
_entity_poly.type   'polypeptide(L)'
_entity_poly.pdbx_seq_one_letter_code
;DLSQCDREPIHLLGGIQSHGVLLAFRGPDRLLEVVSANAQALLGRPPETLLGQPVGRVLPAEVLAQWEPLVARGSVRVVL
PAGAYRALLHESDGLTVLELEPAELQPDMEETALEVVRRLVSPLAGVKGTQALLQTAADTVRALTGFDRVMVYRFDADWH
GEVLAESKRGGMDGFLGMHFPATDIPVQARALYTRNPLRLIADARARPVPLLPPVVPALGRPLDLSNSALRSVSPVHLEY
LRNMGVGASFSLSLLKEGVLWGLIACHHLEPLHISHERRRACEVLTQLLALQLSAEER
;
_entity_poly.pdbx_strand_id   A,B
#
# COMPACT_ATOMS: atom_id res chain seq x y z
N ASP A 1 -15.73 -3.56 -19.85
CA ASP A 1 -14.94 -2.56 -19.17
C ASP A 1 -14.44 -1.45 -20.12
N LEU A 2 -13.47 -0.67 -19.64
CA LEU A 2 -12.87 0.42 -20.40
C LEU A 2 -11.36 0.45 -20.17
N SER A 3 -10.74 -0.75 -20.17
CA SER A 3 -9.30 -1.00 -20.16
C SER A 3 -8.39 0.19 -20.46
N GLN A 4 -8.87 1.13 -21.29
CA GLN A 4 -8.10 2.35 -21.56
C GLN A 4 -7.92 3.17 -20.28
N CYS A 5 -8.81 2.99 -19.30
CA CYS A 5 -8.69 3.65 -18.00
C CYS A 5 -8.71 2.67 -16.82
N ASP A 6 -8.94 1.38 -17.05
CA ASP A 6 -8.89 0.43 -15.95
C ASP A 6 -7.47 -0.04 -15.65
N ARG A 7 -6.49 0.49 -16.37
CA ARG A 7 -5.09 0.42 -15.99
C ARG A 7 -4.55 1.78 -15.57
N GLU A 8 -5.43 2.71 -15.19
CA GLU A 8 -5.00 4.07 -14.82
C GLU A 8 -4.22 4.04 -13.51
N PRO A 9 -2.98 4.56 -13.48
CA PRO A 9 -2.26 4.66 -12.20
C PRO A 9 -2.73 5.86 -11.39
N ILE A 10 -3.91 5.71 -10.78
CA ILE A 10 -4.52 6.81 -10.06
C ILE A 10 -3.72 7.26 -8.85
N HIS A 11 -2.70 6.51 -8.47
CA HIS A 11 -1.80 6.94 -7.40
C HIS A 11 -0.65 7.79 -7.93
N LEU A 12 -0.56 7.97 -9.24
CA LEU A 12 0.62 8.61 -9.85
C LEU A 12 0.22 9.77 -10.76
N LEU A 13 -0.94 10.37 -10.53
CA LEU A 13 -1.43 11.41 -11.42
C LEU A 13 -0.69 12.73 -11.18
N GLY A 14 0.01 12.88 -10.07
CA GLY A 14 0.81 14.07 -9.90
C GLY A 14 0.02 15.33 -9.62
N GLY A 15 -1.18 15.21 -9.05
CA GLY A 15 -2.00 16.39 -8.77
C GLY A 15 -2.67 16.27 -7.41
N ILE A 16 -3.13 17.41 -6.91
CA ILE A 16 -3.95 17.46 -5.70
C ILE A 16 -5.21 18.25 -6.00
N GLN A 17 -6.16 18.16 -5.08
CA GLN A 17 -7.34 19.01 -5.12
C GLN A 17 -6.97 20.41 -4.65
N SER A 18 -7.65 21.41 -5.22
CA SER A 18 -7.21 22.80 -5.11
C SER A 18 -7.49 23.44 -3.76
N HIS A 19 -8.22 22.77 -2.87
CA HIS A 19 -8.52 23.41 -1.60
C HIS A 19 -7.36 23.28 -0.60
N GLY A 20 -6.35 22.47 -0.88
CA GLY A 20 -5.24 22.28 0.03
C GLY A 20 -3.90 22.50 -0.64
N VAL A 21 -2.85 22.30 0.14
CA VAL A 21 -1.47 22.48 -0.29
C VAL A 21 -0.68 21.27 0.20
N LEU A 22 0.23 20.77 -0.64
CA LEU A 22 1.05 19.60 -0.31
C LEU A 22 2.52 19.94 -0.44
N LEU A 23 3.31 19.52 0.55
CA LEU A 23 4.75 19.63 0.51
C LEU A 23 5.35 18.27 0.85
N ALA A 24 6.49 17.96 0.22
CA ALA A 24 7.23 16.74 0.56
C ALA A 24 8.71 17.04 0.66
N PHE A 25 9.39 16.34 1.57
CA PHE A 25 10.81 16.57 1.82
C PHE A 25 11.47 15.31 2.37
N ARG A 26 12.75 15.14 2.03
CA ARG A 26 13.54 13.99 2.49
C ARG A 26 14.67 14.46 3.39
N GLY A 27 15.39 13.49 3.94
CA GLY A 27 16.66 13.75 4.58
C GLY A 27 16.55 14.47 5.90
N PRO A 28 17.66 14.53 6.64
CA PRO A 28 17.66 15.28 7.91
C PRO A 28 17.66 16.79 7.74
N ASP A 29 18.13 17.31 6.59
CA ASP A 29 17.99 18.73 6.32
C ASP A 29 16.55 19.11 6.04
N ARG A 30 15.69 18.13 5.74
CA ARG A 30 14.28 18.34 5.43
C ARG A 30 14.12 19.25 4.21
N LEU A 31 14.74 18.86 3.11
CA LEU A 31 14.80 19.68 1.91
C LEU A 31 13.56 19.45 1.05
N LEU A 32 12.85 20.53 0.75
CA LEU A 32 11.67 20.44 -0.11
C LEU A 32 12.03 19.79 -1.43
N GLU A 33 11.35 18.70 -1.76
CA GLU A 33 11.48 18.06 -3.06
C GLU A 33 10.21 18.08 -3.89
N VAL A 34 9.04 18.15 -3.26
CA VAL A 34 7.77 18.22 -3.98
C VAL A 34 6.97 19.38 -3.41
N VAL A 35 6.27 20.13 -4.28
CA VAL A 35 5.42 21.22 -3.81
C VAL A 35 4.32 21.47 -4.83
N SER A 36 3.09 21.62 -4.34
CA SER A 36 1.98 21.89 -5.24
C SER A 36 2.10 23.29 -5.81
N ALA A 37 1.70 23.46 -7.07
CA ALA A 37 1.92 24.70 -7.77
C ALA A 37 1.13 25.87 -7.17
N ASN A 38 0.13 25.58 -6.34
CA ASN A 38 -0.71 26.59 -5.70
C ASN A 38 -0.16 27.06 -4.37
N ALA A 39 1.06 26.65 -4.01
CA ALA A 39 1.55 26.86 -2.65
C ALA A 39 1.83 28.32 -2.29
N GLN A 40 2.00 29.22 -3.26
CA GLN A 40 2.39 30.57 -2.86
C GLN A 40 1.30 31.27 -2.05
N ALA A 41 0.02 31.02 -2.36
CA ALA A 41 -1.06 31.72 -1.65
C ALA A 41 -1.02 31.48 -0.15
N LEU A 42 -0.40 30.39 0.29
CA LEU A 42 -0.31 30.05 1.70
C LEU A 42 1.05 30.28 2.32
N LEU A 43 2.13 30.16 1.53
CA LEU A 43 3.48 30.18 2.06
C LEU A 43 4.25 31.46 1.73
N GLY A 44 3.74 32.30 0.84
CA GLY A 44 4.34 33.61 0.62
C GLY A 44 5.57 33.63 -0.28
N ARG A 45 5.93 32.50 -0.88
CA ARG A 45 7.03 32.47 -1.83
C ARG A 45 6.60 31.65 -3.03
N PRO A 46 7.23 31.85 -4.19
CA PRO A 46 6.89 31.03 -5.35
C PRO A 46 7.40 29.61 -5.18
N PRO A 47 6.68 28.60 -5.70
CA PRO A 47 7.07 27.20 -5.46
C PRO A 47 8.48 26.84 -5.94
N GLU A 48 8.87 27.28 -7.14
CA GLU A 48 10.23 27.02 -7.61
C GLU A 48 11.28 27.60 -6.69
N THR A 49 10.93 28.66 -5.97
CA THR A 49 11.84 29.23 -4.99
C THR A 49 11.94 28.35 -3.75
N LEU A 50 10.82 27.78 -3.30
CA LEU A 50 10.86 27.00 -2.07
C LEU A 50 11.56 25.65 -2.27
N LEU A 51 11.65 25.15 -3.50
CA LEU A 51 12.37 23.91 -3.76
C LEU A 51 13.82 24.02 -3.30
N GLY A 52 14.31 22.98 -2.63
CA GLY A 52 15.65 22.95 -2.10
C GLY A 52 15.78 23.45 -0.68
N GLN A 53 14.84 24.09 -0.22
CA GLN A 53 14.90 24.77 1.06
C GLN A 53 14.55 23.82 2.20
N PRO A 54 15.08 24.03 3.40
CA PRO A 54 14.60 23.29 4.56
C PRO A 54 13.23 23.79 5.00
N VAL A 55 12.49 22.91 5.66
CA VAL A 55 11.12 23.29 6.01
C VAL A 55 11.10 24.37 7.06
N GLY A 56 12.16 24.50 7.86
CA GLY A 56 12.21 25.54 8.86
C GLY A 56 12.00 26.94 8.32
N ARG A 57 12.48 27.22 7.11
CA ARG A 57 12.22 28.52 6.50
C ARG A 57 11.26 28.41 5.32
N VAL A 58 10.35 27.44 5.37
CA VAL A 58 9.37 27.23 4.30
C VAL A 58 7.96 27.20 4.89
N LEU A 59 7.78 26.45 5.97
CA LEU A 59 6.47 26.37 6.59
C LEU A 59 6.14 27.64 7.36
N PRO A 60 4.86 27.98 7.46
CA PRO A 60 4.47 29.07 8.34
C PRO A 60 4.90 28.79 9.77
N ALA A 61 5.12 29.88 10.50
CA ALA A 61 5.64 29.76 11.85
C ALA A 61 4.67 29.05 12.76
N GLU A 62 3.37 29.19 12.50
CA GLU A 62 2.34 28.52 13.29
C GLU A 62 2.41 27.00 13.15
N VAL A 63 2.83 26.50 11.98
CA VAL A 63 2.96 25.07 11.77
C VAL A 63 4.22 24.53 12.42
N LEU A 64 5.35 25.19 12.17
CA LEU A 64 6.61 24.80 12.79
C LEU A 64 6.51 24.79 14.30
N ALA A 65 5.70 25.68 14.86
CA ALA A 65 5.40 25.63 16.30
C ALA A 65 4.96 24.23 16.72
N GLN A 66 3.85 23.75 16.18
CA GLN A 66 3.29 22.45 16.53
C GLN A 66 4.04 21.27 15.91
N TRP A 67 5.30 21.40 15.51
CA TRP A 67 5.94 20.34 14.72
C TRP A 67 6.11 19.05 15.50
N GLU A 68 6.28 19.12 16.83
CA GLU A 68 6.48 17.89 17.60
C GLU A 68 5.24 17.02 17.64
N PRO A 69 4.08 17.51 18.12
CA PRO A 69 2.87 16.66 18.06
C PRO A 69 2.44 16.34 16.66
N LEU A 70 2.85 17.15 15.67
CA LEU A 70 2.52 16.84 14.29
C LEU A 70 3.21 15.57 13.86
N VAL A 71 4.49 15.43 14.19
CA VAL A 71 5.19 14.17 13.92
C VAL A 71 4.65 13.05 14.81
N ALA A 72 4.42 13.33 16.08
CA ALA A 72 3.98 12.29 17.01
C ALA A 72 2.65 11.70 16.58
N ARG A 73 1.63 12.54 16.42
CA ARG A 73 0.28 12.05 16.14
C ARG A 73 -0.07 12.01 14.66
N GLY A 74 0.74 12.61 13.77
CA GLY A 74 0.43 12.63 12.36
C GLY A 74 -0.55 13.71 11.92
N SER A 75 -1.18 14.41 12.85
CA SER A 75 -2.06 15.51 12.51
C SER A 75 -2.03 16.54 13.62
N VAL A 76 -2.32 17.78 13.27
CA VAL A 76 -2.41 18.89 14.24
C VAL A 76 -3.24 20.01 13.62
N ARG A 77 -4.05 20.68 14.45
CA ARG A 77 -4.76 21.87 14.02
C ARG A 77 -3.89 23.09 14.27
N VAL A 78 -3.89 24.03 13.33
CA VAL A 78 -3.10 25.25 13.47
C VAL A 78 -3.93 26.43 12.96
N VAL A 79 -3.64 27.60 13.51
CA VAL A 79 -4.34 28.83 13.11
C VAL A 79 -3.32 29.71 12.40
N LEU A 80 -3.48 29.84 11.08
CA LEU A 80 -2.68 30.70 10.24
C LEU A 80 -3.35 32.05 10.07
N PRO A 81 -2.62 33.09 9.66
CA PRO A 81 -3.31 34.32 9.27
C PRO A 81 -4.43 34.07 8.28
N ALA A 82 -4.28 33.09 7.38
CA ALA A 82 -5.30 32.76 6.39
C ALA A 82 -6.53 32.08 6.98
N GLY A 83 -6.47 31.62 8.23
CA GLY A 83 -7.56 30.92 8.88
C GLY A 83 -7.09 29.61 9.48
N ALA A 84 -8.07 28.82 9.94
CA ALA A 84 -7.77 27.55 10.59
C ALA A 84 -7.39 26.50 9.55
N TYR A 85 -6.38 25.69 9.87
CA TYR A 85 -5.91 24.65 8.97
C TYR A 85 -5.66 23.36 9.74
N ARG A 86 -5.77 22.25 9.02
CA ARG A 86 -5.35 20.93 9.48
C ARG A 86 -4.07 20.53 8.76
N ALA A 87 -3.05 20.13 9.52
CA ALA A 87 -1.82 19.58 8.97
C ALA A 87 -1.76 18.08 9.21
N LEU A 88 -1.34 17.37 8.18
CA LEU A 88 -1.39 15.92 8.08
C LEU A 88 -0.06 15.47 7.52
N LEU A 89 0.60 14.52 8.20
CA LEU A 89 1.92 14.03 7.84
C LEU A 89 1.88 12.53 7.58
N HIS A 90 2.45 12.10 6.47
CA HIS A 90 2.65 10.67 6.26
C HIS A 90 3.94 10.47 5.47
N GLU A 91 4.34 9.21 5.34
CA GLU A 91 5.55 8.86 4.61
C GLU A 91 5.21 8.21 3.28
N SER A 92 5.99 8.54 2.25
CA SER A 92 5.76 8.00 0.92
C SER A 92 7.03 8.18 0.10
N ASP A 93 7.42 7.14 -0.62
CA ASP A 93 8.60 7.16 -1.51
C ASP A 93 9.86 7.62 -0.77
N GLY A 94 9.91 7.39 0.54
CA GLY A 94 10.99 7.88 1.36
C GLY A 94 10.89 9.35 1.73
N LEU A 95 9.94 10.06 1.15
CA LEU A 95 9.69 11.45 1.49
C LEU A 95 8.66 11.52 2.62
N THR A 96 8.80 12.54 3.44
CA THR A 96 7.77 12.87 4.40
C THR A 96 6.89 13.96 3.79
N VAL A 97 5.60 13.63 3.66
CA VAL A 97 4.64 14.44 2.92
C VAL A 97 3.81 15.20 3.93
N LEU A 98 3.66 16.51 3.70
CA LEU A 98 2.88 17.39 4.56
C LEU A 98 1.73 17.98 3.75
N GLU A 99 0.50 17.80 4.24
CA GLU A 99 -0.71 18.29 3.58
C GLU A 99 -1.43 19.25 4.50
N LEU A 100 -1.77 20.44 3.98
CA LEU A 100 -2.48 21.47 4.75
C LEU A 100 -3.88 21.65 4.17
N GLU A 101 -4.90 21.50 5.00
CA GLU A 101 -6.25 21.66 4.50
C GLU A 101 -7.08 22.53 5.42
N PRO A 102 -8.00 23.32 4.86
CA PRO A 102 -8.79 24.21 5.70
C PRO A 102 -9.61 23.44 6.72
N ALA A 103 -9.81 24.07 7.87
CA ALA A 103 -10.51 23.50 9.00
C ALA A 103 -11.39 24.58 9.61
N GLU A 104 -12.43 24.16 10.32
CA GLU A 104 -13.18 25.11 11.12
C GLU A 104 -12.32 25.62 12.28
N LEU A 105 -12.72 26.75 12.84
CA LEU A 105 -11.98 27.30 13.96
C LEU A 105 -12.31 26.56 15.25
N GLN A 106 -11.32 26.49 16.13
CA GLN A 106 -11.49 25.92 17.47
C GLN A 106 -10.97 26.99 18.42
N PRO A 107 -11.88 27.77 19.04
CA PRO A 107 -11.43 28.81 19.97
C PRO A 107 -11.80 28.51 21.42
N ASP A 108 -13.02 28.87 21.79
CA ASP A 108 -13.51 28.70 23.16
C ASP A 108 -14.05 27.29 23.39
N GLY A 129 -30.72 -8.19 10.46
CA GLY A 129 -29.89 -8.66 9.36
C GLY A 129 -28.74 -7.75 8.92
N THR A 130 -27.99 -8.17 7.90
CA THR A 130 -26.86 -7.36 7.45
C THR A 130 -27.36 -6.09 6.74
N GLN A 131 -28.43 -6.18 5.95
CA GLN A 131 -28.99 -5.00 5.30
C GLN A 131 -29.49 -4.00 6.34
N ALA A 132 -30.10 -4.49 7.40
CA ALA A 132 -30.55 -3.61 8.47
C ALA A 132 -29.37 -2.93 9.15
N LEU A 133 -28.27 -3.67 9.36
CA LEU A 133 -27.08 -3.06 9.94
C LEU A 133 -26.55 -1.95 9.04
N LEU A 134 -26.48 -2.23 7.73
CA LEU A 134 -25.98 -1.24 6.79
C LEU A 134 -26.98 -0.11 6.54
N GLN A 135 -28.28 -0.33 6.74
CA GLN A 135 -29.23 0.77 6.65
C GLN A 135 -29.01 1.79 7.78
N THR A 136 -28.80 1.32 9.01
CA THR A 136 -28.52 2.26 10.09
C THR A 136 -27.19 2.98 9.88
N ALA A 137 -26.21 2.28 9.31
CA ALA A 137 -24.96 2.91 8.92
C ALA A 137 -25.20 4.03 7.92
N ALA A 138 -25.98 3.74 6.88
CA ALA A 138 -26.41 4.76 5.92
C ALA A 138 -27.06 5.95 6.61
N ASP A 139 -28.02 5.71 7.50
CA ASP A 139 -28.67 6.83 8.19
C ASP A 139 -27.71 7.53 9.13
N THR A 140 -26.81 6.79 9.76
CA THR A 140 -25.87 7.42 10.69
C THR A 140 -24.88 8.31 9.94
N VAL A 141 -24.34 7.83 8.83
CA VAL A 141 -23.38 8.65 8.09
C VAL A 141 -24.04 9.90 7.53
N ARG A 142 -25.26 9.77 6.99
CA ARG A 142 -25.94 10.98 6.49
C ARG A 142 -26.16 11.99 7.61
N ALA A 143 -26.41 11.54 8.83
CA ALA A 143 -26.57 12.47 9.94
C ALA A 143 -25.26 13.16 10.27
N LEU A 144 -24.14 12.43 10.21
CA LEU A 144 -22.84 12.98 10.60
C LEU A 144 -22.30 13.94 9.54
N THR A 145 -22.49 13.63 8.25
CA THR A 145 -22.01 14.48 7.16
C THR A 145 -22.97 15.58 6.74
N GLY A 146 -24.29 15.37 6.88
CA GLY A 146 -25.24 16.29 6.32
C GLY A 146 -25.37 16.22 4.82
N PHE A 147 -24.69 15.29 4.16
CA PHE A 147 -24.78 15.23 2.70
C PHE A 147 -26.19 14.82 2.27
N ASP A 148 -26.60 15.31 1.10
CA ASP A 148 -27.91 15.01 0.55
C ASP A 148 -28.16 13.51 0.47
N ARG A 149 -27.20 12.77 -0.06
CA ARG A 149 -27.41 11.38 -0.38
C ARG A 149 -26.24 10.57 0.13
N VAL A 150 -26.56 9.37 0.64
CA VAL A 150 -25.60 8.39 1.13
C VAL A 150 -25.99 7.03 0.58
N MET A 151 -25.05 6.36 -0.06
CA MET A 151 -25.26 5.02 -0.61
C MET A 151 -24.27 4.03 -0.01
N VAL A 152 -24.73 2.80 0.25
CA VAL A 152 -23.88 1.74 0.75
C VAL A 152 -23.79 0.65 -0.30
N TYR A 153 -22.57 0.37 -0.78
CA TYR A 153 -22.33 -0.73 -1.71
C TYR A 153 -21.66 -1.87 -0.97
N ARG A 154 -22.04 -3.09 -1.32
CA ARG A 154 -21.34 -4.31 -0.91
C ARG A 154 -20.80 -5.02 -2.15
N PHE A 155 -19.55 -5.44 -2.09
CA PHE A 155 -18.92 -6.07 -3.24
C PHE A 155 -19.26 -7.56 -3.28
N ASP A 156 -19.69 -8.03 -4.46
CA ASP A 156 -19.94 -9.46 -4.66
C ASP A 156 -18.64 -10.14 -5.10
N ALA A 157 -18.77 -11.37 -5.58
CA ALA A 157 -17.62 -12.18 -5.97
C ALA A 157 -16.94 -11.68 -7.24
N ASP A 158 -17.63 -10.91 -8.07
CA ASP A 158 -16.97 -10.30 -9.22
C ASP A 158 -16.54 -8.88 -8.91
N TRP A 159 -16.55 -8.47 -7.64
CA TRP A 159 -16.19 -7.12 -7.21
C TRP A 159 -17.06 -6.06 -7.88
N HIS A 160 -18.34 -6.38 -8.08
CA HIS A 160 -19.35 -5.38 -8.39
C HIS A 160 -19.90 -4.82 -7.09
N GLY A 161 -20.06 -3.51 -7.03
CA GLY A 161 -20.70 -2.91 -5.87
C GLY A 161 -22.20 -3.00 -6.01
N GLU A 162 -22.88 -3.63 -5.05
CA GLU A 162 -24.33 -3.74 -5.06
C GLU A 162 -24.92 -2.71 -4.11
N VAL A 163 -25.87 -1.91 -4.61
CA VAL A 163 -26.54 -0.98 -3.71
C VAL A 163 -27.32 -1.78 -2.71
N LEU A 164 -27.01 -1.59 -1.43
CA LEU A 164 -27.56 -2.39 -0.36
C LEU A 164 -28.38 -1.56 0.63
N ALA A 165 -28.20 -0.25 0.65
CA ALA A 165 -28.95 0.66 1.50
C ALA A 165 -28.77 2.08 0.99
N GLU A 166 -29.76 2.91 1.28
CA GLU A 166 -29.73 4.30 0.86
C GLU A 166 -30.34 5.16 1.96
N SER A 167 -29.69 6.26 2.26
CA SER A 167 -30.25 7.33 3.08
C SER A 167 -30.16 8.61 2.26
N LYS A 168 -31.24 9.41 2.26
CA LYS A 168 -31.34 10.55 1.37
C LYS A 168 -32.34 11.55 1.94
N ARG A 169 -32.14 12.83 1.62
CA ARG A 169 -33.14 13.83 2.00
C ARG A 169 -34.40 13.67 1.14
N GLY A 170 -35.52 14.18 1.65
CA GLY A 170 -36.75 14.16 0.89
C GLY A 170 -36.70 14.97 -0.40
N GLY A 171 -37.21 14.40 -1.49
CA GLY A 171 -37.34 15.09 -2.77
C GLY A 171 -36.02 15.36 -3.47
N MET A 172 -35.57 14.44 -4.33
CA MET A 172 -34.17 14.41 -4.74
C MET A 172 -33.94 14.59 -6.23
N ASP A 173 -32.79 15.21 -6.53
CA ASP A 173 -32.27 15.31 -7.90
C ASP A 173 -31.68 13.98 -8.37
N GLY A 174 -30.75 13.42 -7.60
CA GLY A 174 -30.17 12.15 -7.97
C GLY A 174 -31.06 10.96 -7.67
N PHE A 175 -32.36 11.10 -7.95
CA PHE A 175 -33.42 10.10 -7.83
C PHE A 175 -33.06 8.88 -6.97
N LEU A 176 -33.27 7.68 -7.50
CA LEU A 176 -32.74 6.44 -6.91
C LEU A 176 -31.58 6.02 -7.80
N GLY A 177 -30.38 6.49 -7.45
CA GLY A 177 -29.19 6.19 -8.22
C GLY A 177 -28.63 4.84 -7.81
N MET A 178 -29.54 3.87 -7.78
CA MET A 178 -29.34 2.51 -7.32
C MET A 178 -28.64 1.66 -8.39
N HIS A 179 -28.09 2.27 -9.42
CA HIS A 179 -27.30 1.49 -10.37
C HIS A 179 -26.04 0.97 -9.70
N PHE A 180 -25.71 -0.27 -10.00
CA PHE A 180 -24.52 -0.86 -9.45
C PHE A 180 -23.30 -0.20 -10.10
N PRO A 181 -22.22 0.01 -9.35
CA PRO A 181 -20.92 0.25 -9.98
C PRO A 181 -20.38 -1.07 -10.48
N ALA A 182 -20.66 -1.38 -11.74
CA ALA A 182 -20.62 -2.73 -12.27
C ALA A 182 -19.24 -3.18 -12.72
N THR A 183 -19.06 -3.41 -14.02
CA THR A 183 -17.72 -3.65 -14.56
C THR A 183 -17.03 -2.30 -14.43
N ASP A 184 -16.63 -1.99 -13.19
CA ASP A 184 -16.59 -0.60 -12.79
C ASP A 184 -15.31 -0.23 -12.09
N ILE A 185 -15.28 -0.40 -10.77
CA ILE A 185 -14.25 0.24 -9.97
C ILE A 185 -12.97 -0.54 -10.19
N PRO A 186 -11.97 0.06 -10.82
CA PRO A 186 -10.74 -0.67 -11.18
C PRO A 186 -9.98 -1.12 -9.94
N VAL A 187 -9.14 -2.14 -10.14
CA VAL A 187 -8.44 -2.76 -9.02
C VAL A 187 -7.58 -1.73 -8.27
N GLN A 188 -6.98 -0.78 -8.98
CA GLN A 188 -6.14 0.21 -8.31
C GLN A 188 -6.95 1.09 -7.37
N ALA A 189 -8.20 1.39 -7.75
CA ALA A 189 -9.07 2.17 -6.88
C ALA A 189 -9.47 1.36 -5.64
N ARG A 190 -9.84 0.11 -5.83
CA ARG A 190 -10.17 -0.76 -4.69
C ARG A 190 -8.96 -1.00 -3.79
N ALA A 191 -7.74 -0.96 -4.35
CA ALA A 191 -6.57 -1.11 -3.49
C ALA A 191 -6.37 0.12 -2.62
N LEU A 192 -6.66 1.30 -3.16
CA LEU A 192 -6.53 2.51 -2.36
C LEU A 192 -7.62 2.60 -1.30
N TYR A 193 -8.81 2.13 -1.65
CA TYR A 193 -9.89 2.10 -0.68
C TYR A 193 -9.58 1.15 0.48
N THR A 194 -8.82 0.08 0.22
CA THR A 194 -8.45 -0.84 1.29
C THR A 194 -7.44 -0.21 2.22
N ARG A 195 -6.50 0.55 1.68
CA ARG A 195 -5.45 1.17 2.47
C ARG A 195 -5.88 2.47 3.15
N ASN A 196 -6.95 3.12 2.68
CA ASN A 196 -7.44 4.37 3.31
C ASN A 196 -8.91 4.24 3.68
N PRO A 197 -9.28 4.43 4.93
CA PRO A 197 -10.70 4.37 5.32
C PRO A 197 -11.54 5.53 4.80
N LEU A 198 -11.00 6.73 4.68
CA LEU A 198 -11.78 7.92 4.31
C LEU A 198 -11.22 8.56 3.06
N ARG A 199 -12.11 8.97 2.16
CA ARG A 199 -11.72 9.63 0.91
C ARG A 199 -12.66 10.81 0.65
N LEU A 200 -12.11 12.03 0.50
CA LEU A 200 -12.92 13.21 0.26
C LEU A 200 -12.54 13.91 -1.06
N ILE A 201 -13.53 14.09 -1.93
CA ILE A 201 -13.44 14.96 -3.09
C ILE A 201 -14.23 16.22 -2.73
N ALA A 202 -13.52 17.33 -2.43
CA ALA A 202 -14.24 18.48 -1.88
C ALA A 202 -15.20 19.09 -2.90
N ASP A 203 -14.82 19.11 -4.18
CA ASP A 203 -15.68 19.74 -5.20
C ASP A 203 -15.31 19.18 -6.57
N ALA A 204 -16.23 18.41 -7.15
CA ALA A 204 -15.95 17.81 -8.45
C ALA A 204 -15.92 18.83 -9.58
N ARG A 205 -16.38 20.07 -9.34
CA ARG A 205 -16.21 21.09 -10.38
C ARG A 205 -14.88 21.82 -10.27
N ALA A 206 -14.16 21.65 -9.15
CA ALA A 206 -12.88 22.32 -9.00
C ALA A 206 -11.83 21.65 -9.89
N ARG A 207 -10.69 22.34 -10.07
CA ARG A 207 -9.63 21.93 -10.99
C ARG A 207 -8.45 21.33 -10.24
N PRO A 208 -7.84 20.25 -10.71
CA PRO A 208 -6.66 19.71 -10.02
C PRO A 208 -5.49 20.66 -10.14
N VAL A 209 -4.61 20.60 -9.16
CA VAL A 209 -3.39 21.40 -9.09
C VAL A 209 -2.20 20.48 -9.30
N PRO A 210 -1.34 20.76 -10.27
CA PRO A 210 -0.18 19.90 -10.52
C PRO A 210 0.85 20.01 -9.40
N LEU A 211 1.55 18.89 -9.15
CA LEU A 211 2.70 18.84 -8.26
C LEU A 211 3.98 19.17 -9.05
N LEU A 212 4.90 19.89 -8.39
CA LEU A 212 6.17 20.31 -8.99
C LEU A 212 7.33 19.68 -8.23
N PRO A 213 8.35 19.14 -8.92
CA PRO A 213 8.48 18.98 -10.39
C PRO A 213 7.54 17.88 -10.88
N PRO A 214 7.25 17.85 -12.18
CA PRO A 214 6.29 16.85 -12.70
C PRO A 214 6.71 15.41 -12.41
N VAL A 215 7.99 15.11 -12.40
CA VAL A 215 8.48 13.83 -11.90
C VAL A 215 9.55 14.09 -10.85
N VAL A 216 9.53 13.29 -9.79
CA VAL A 216 10.50 13.43 -8.70
C VAL A 216 11.84 12.90 -9.19
N PRO A 217 12.90 13.73 -9.16
CA PRO A 217 14.17 13.31 -9.78
C PRO A 217 14.68 11.98 -9.25
N ALA A 218 14.61 11.77 -7.94
CA ALA A 218 15.07 10.52 -7.35
C ALA A 218 14.26 9.32 -7.82
N LEU A 219 13.07 9.52 -8.37
CA LEU A 219 12.19 8.40 -8.62
C LEU A 219 11.93 8.14 -10.10
N GLY A 220 12.10 9.14 -10.96
CA GLY A 220 11.73 8.90 -12.34
C GLY A 220 10.25 8.82 -12.58
N ARG A 221 9.43 9.25 -11.63
CA ARG A 221 7.96 9.22 -11.75
C ARG A 221 7.38 10.24 -10.76
N PRO A 222 6.08 10.52 -10.83
CA PRO A 222 5.48 11.40 -9.82
C PRO A 222 5.40 10.74 -8.45
N LEU A 223 5.31 11.60 -7.43
CA LEU A 223 5.15 11.13 -6.05
C LEU A 223 3.93 10.22 -5.93
N ASP A 224 4.11 9.12 -5.22
CA ASP A 224 3.01 8.19 -4.99
C ASP A 224 2.05 8.78 -3.97
N LEU A 225 0.79 9.01 -4.38
CA LEU A 225 -0.21 9.65 -3.54
C LEU A 225 -1.23 8.66 -2.97
N SER A 226 -0.83 7.38 -2.83
CA SER A 226 -1.73 6.36 -2.30
C SER A 226 -2.38 6.79 -0.99
N ASN A 227 -1.60 7.32 -0.05
CA ASN A 227 -2.16 7.70 1.24
C ASN A 227 -2.29 9.22 1.42
N SER A 228 -2.40 9.97 0.33
CA SER A 228 -2.51 11.42 0.41
C SER A 228 -3.98 11.86 0.55
N ALA A 229 -4.25 12.74 1.51
CA ALA A 229 -5.61 13.24 1.72
C ALA A 229 -6.09 14.10 0.56
N LEU A 230 -5.19 14.85 -0.08
CA LEU A 230 -5.54 15.81 -1.12
C LEU A 230 -5.46 15.23 -2.51
N ARG A 231 -5.15 13.94 -2.65
CA ARG A 231 -4.93 13.32 -3.96
C ARG A 231 -6.04 13.69 -4.93
N SER A 232 -5.63 14.20 -6.09
CA SER A 232 -6.60 14.52 -7.13
C SER A 232 -7.22 13.24 -7.66
N VAL A 233 -8.28 13.38 -8.43
CA VAL A 233 -9.11 12.23 -8.76
C VAL A 233 -9.06 11.97 -10.25
N SER A 234 -9.12 10.67 -10.61
CA SER A 234 -9.21 10.22 -12.00
C SER A 234 -10.23 11.07 -12.76
N PRO A 235 -9.85 11.66 -13.89
CA PRO A 235 -10.79 12.52 -14.63
C PRO A 235 -12.08 11.81 -14.99
N VAL A 236 -12.01 10.52 -15.33
CA VAL A 236 -13.21 9.78 -15.74
C VAL A 236 -14.23 9.74 -14.59
N HIS A 237 -13.76 9.56 -13.36
CA HIS A 237 -14.70 9.56 -12.24
C HIS A 237 -15.15 10.98 -11.89
N LEU A 238 -14.28 11.97 -12.01
CA LEU A 238 -14.69 13.34 -11.74
C LEU A 238 -15.81 13.77 -12.70
N GLU A 239 -15.70 13.35 -13.96
CA GLU A 239 -16.72 13.63 -14.95
C GLU A 239 -18.03 12.91 -14.63
N TYR A 240 -17.95 11.69 -14.09
CA TYR A 240 -19.17 10.98 -13.72
C TYR A 240 -19.90 11.71 -12.59
N LEU A 241 -19.17 12.24 -11.61
CA LEU A 241 -19.79 13.04 -10.56
C LEU A 241 -20.42 14.31 -11.14
N ARG A 242 -19.71 15.02 -12.02
CA ARG A 242 -20.24 16.26 -12.55
C ARG A 242 -21.53 16.01 -13.31
N ASN A 243 -21.59 14.94 -14.11
CA ASN A 243 -22.80 14.68 -14.86
C ASN A 243 -23.98 14.47 -13.93
N MET A 244 -23.73 14.01 -12.68
CA MET A 244 -24.79 13.85 -11.69
C MET A 244 -25.08 15.13 -10.92
N GLY A 245 -24.40 16.23 -11.23
CA GLY A 245 -24.58 17.42 -10.45
C GLY A 245 -23.99 17.34 -9.06
N VAL A 246 -23.08 16.41 -8.84
CA VAL A 246 -22.49 16.23 -7.53
C VAL A 246 -21.37 17.23 -7.32
N GLY A 247 -21.41 17.95 -6.21
CA GLY A 247 -20.31 18.80 -5.84
C GLY A 247 -19.32 18.08 -4.95
N ALA A 248 -19.72 17.81 -3.72
CA ALA A 248 -18.84 17.09 -2.80
C ALA A 248 -19.15 15.61 -2.84
N SER A 249 -18.12 14.80 -2.60
CA SER A 249 -18.24 13.36 -2.50
C SER A 249 -17.34 12.87 -1.38
N PHE A 250 -17.89 12.10 -0.45
CA PHE A 250 -17.18 11.64 0.74
C PHE A 250 -17.46 10.17 0.93
N SER A 251 -16.40 9.35 0.92
CA SER A 251 -16.51 7.90 0.86
C SER A 251 -15.83 7.25 2.06
N LEU A 252 -16.43 6.16 2.54
CA LEU A 252 -15.93 5.38 3.67
C LEU A 252 -15.76 3.94 3.23
N SER A 253 -14.60 3.36 3.50
CA SER A 253 -14.35 1.97 3.15
C SER A 253 -14.86 1.06 4.26
N LEU A 254 -15.61 0.04 3.88
CA LEU A 254 -16.06 -1.00 4.81
C LEU A 254 -15.14 -2.19 4.63
N LEU A 255 -14.34 -2.49 5.66
CA LEU A 255 -13.49 -3.66 5.65
C LEU A 255 -14.08 -4.75 6.53
N LYS A 256 -13.82 -6.00 6.16
CA LYS A 256 -14.09 -7.14 7.03
C LYS A 256 -12.82 -7.96 7.12
N GLU A 257 -12.30 -8.07 8.35
CA GLU A 257 -11.05 -8.79 8.58
C GLU A 257 -9.95 -8.29 7.63
N GLY A 258 -9.82 -6.97 7.55
CA GLY A 258 -8.77 -6.36 6.78
C GLY A 258 -8.92 -6.45 5.28
N VAL A 259 -10.04 -6.97 4.78
CA VAL A 259 -10.28 -7.10 3.36
C VAL A 259 -11.45 -6.20 2.96
N LEU A 260 -11.33 -5.58 1.78
CA LEU A 260 -12.36 -4.66 1.33
C LEU A 260 -13.69 -5.40 1.15
N TRP A 261 -14.71 -4.90 1.82
CA TRP A 261 -16.05 -5.49 1.82
C TRP A 261 -17.09 -4.61 1.16
N GLY A 262 -16.98 -3.30 1.32
CA GLY A 262 -18.04 -2.46 0.80
C GLY A 262 -17.63 -1.02 0.90
N LEU A 263 -18.54 -0.15 0.47
CA LEU A 263 -18.21 1.26 0.35
C LEU A 263 -19.47 2.05 0.70
N ILE A 264 -19.31 3.07 1.53
CA ILE A 264 -20.36 4.05 1.79
C ILE A 264 -20.03 5.33 1.04
N ALA A 265 -20.88 5.72 0.10
CA ALA A 265 -20.63 6.89 -0.75
C ALA A 265 -21.62 8.01 -0.43
N CYS A 266 -21.10 9.15 -0.01
CA CYS A 266 -21.92 10.31 0.29
C CYS A 266 -21.75 11.32 -0.84
N HIS A 267 -22.87 11.80 -1.36
CA HIS A 267 -22.89 12.77 -2.44
C HIS A 267 -23.72 13.96 -1.99
N HIS A 268 -23.21 15.16 -2.23
CA HIS A 268 -23.87 16.42 -1.94
C HIS A 268 -23.80 17.30 -3.18
N LEU A 269 -24.89 18.01 -3.49
CA LEU A 269 -24.93 18.77 -4.74
C LEU A 269 -24.00 19.97 -4.74
N GLU A 270 -23.46 20.36 -3.60
CA GLU A 270 -22.49 21.45 -3.62
C GLU A 270 -21.42 21.17 -2.57
N PRO A 271 -20.33 21.95 -2.53
CA PRO A 271 -19.37 21.80 -1.43
C PRO A 271 -20.06 21.96 -0.08
N LEU A 272 -19.64 21.12 0.86
CA LEU A 272 -20.12 21.19 2.24
C LEU A 272 -19.02 20.63 3.13
N HIS A 273 -18.35 21.50 3.86
CA HIS A 273 -17.29 21.06 4.77
C HIS A 273 -17.87 20.13 5.83
N ILE A 274 -17.15 19.06 6.15
CA ILE A 274 -17.68 18.10 7.12
C ILE A 274 -17.15 18.37 8.53
N SER A 275 -15.87 18.68 8.68
CA SER A 275 -15.24 19.04 9.95
C SER A 275 -14.68 17.80 10.63
N HIS A 276 -13.58 18.00 11.36
CA HIS A 276 -12.72 16.87 11.71
C HIS A 276 -13.42 15.94 12.69
N GLU A 277 -14.08 16.51 13.71
CA GLU A 277 -14.86 15.75 14.71
C GLU A 277 -15.76 14.72 14.06
N ARG A 278 -16.56 15.13 13.08
CA ARG A 278 -17.56 14.25 12.46
C ARG A 278 -16.93 13.32 11.42
N ARG A 279 -15.81 13.74 10.82
CA ARG A 279 -15.02 12.82 10.01
C ARG A 279 -14.44 11.70 10.87
N ARG A 280 -13.84 12.05 12.01
CA ARG A 280 -13.28 11.04 12.92
C ARG A 280 -14.36 10.08 13.44
N ALA A 281 -15.54 10.61 13.78
CA ALA A 281 -16.65 9.75 14.15
C ALA A 281 -17.04 8.80 13.00
N CYS A 282 -16.94 9.29 11.76
CA CYS A 282 -17.23 8.45 10.60
C CYS A 282 -16.28 7.28 10.49
N GLU A 283 -14.99 7.53 10.72
CA GLU A 283 -13.98 6.47 10.64
C GLU A 283 -14.15 5.47 11.78
N VAL A 284 -14.44 5.95 12.99
CA VAL A 284 -14.69 5.04 14.09
C VAL A 284 -15.87 4.11 13.76
N LEU A 285 -16.91 4.67 13.12
CA LEU A 285 -18.05 3.86 12.74
C LEU A 285 -17.66 2.76 11.76
N THR A 286 -16.76 3.05 10.81
CA THR A 286 -16.28 1.98 9.93
C THR A 286 -15.48 0.92 10.69
N GLN A 287 -14.74 1.30 11.73
CA GLN A 287 -14.07 0.29 12.56
C GLN A 287 -15.07 -0.54 13.37
N LEU A 288 -16.07 0.12 13.97
CA LEU A 288 -17.12 -0.60 14.68
C LEU A 288 -17.87 -1.54 13.75
N LEU A 289 -18.16 -1.08 12.52
CA LEU A 289 -18.88 -1.97 11.59
C LEU A 289 -18.02 -3.16 11.19
N ALA A 290 -16.70 -2.98 11.05
CA ALA A 290 -15.83 -4.10 10.68
C ALA A 290 -15.83 -5.18 11.75
N LEU A 291 -15.88 -4.77 13.02
CA LEU A 291 -15.97 -5.73 14.12
C LEU A 291 -17.27 -6.53 14.02
N GLN A 292 -18.39 -5.83 13.79
CA GLN A 292 -19.69 -6.46 13.73
C GLN A 292 -19.81 -7.42 12.55
N LEU A 293 -19.13 -7.13 11.44
CA LEU A 293 -19.18 -7.99 10.25
C LEU A 293 -18.34 -9.25 10.41
N SER A 294 -17.26 -9.18 11.20
CA SER A 294 -16.35 -10.31 11.41
C SER A 294 -16.80 -11.16 12.57
N ALA A 295 -17.07 -10.53 13.71
CA ALA A 295 -17.48 -11.25 14.90
C ALA A 295 -18.79 -12.00 14.73
N GLU A 296 -19.57 -11.69 13.68
CA GLU A 296 -20.84 -12.38 13.46
C GLU A 296 -20.65 -13.89 13.27
N GLU A 297 -19.46 -14.32 12.85
CA GLU A 297 -19.14 -15.74 12.79
C GLU A 297 -18.35 -16.13 14.04
N ARG A 298 -17.08 -15.76 14.09
CA ARG A 298 -16.27 -16.04 15.27
C ARG A 298 -16.38 -14.90 16.29
N ASP B 1 -15.27 -10.16 -3.27
CA ASP B 1 -14.12 -11.07 -3.16
C ASP B 1 -14.08 -12.04 -4.35
N LEU B 2 -13.33 -13.16 -4.27
CA LEU B 2 -13.33 -14.07 -5.43
C LEU B 2 -13.31 -15.57 -5.03
N SER B 3 -13.92 -15.94 -3.88
CA SER B 3 -14.22 -17.31 -3.39
C SER B 3 -13.88 -17.50 -1.90
N GLN B 4 -13.80 -18.79 -1.49
CA GLN B 4 -13.49 -19.18 -0.12
C GLN B 4 -12.08 -18.79 0.34
N CYS B 5 -11.14 -18.59 -0.59
CA CYS B 5 -9.78 -18.18 -0.28
C CYS B 5 -9.34 -16.89 -0.95
N ASP B 6 -10.13 -16.32 -1.84
CA ASP B 6 -9.78 -15.05 -2.47
C ASP B 6 -10.26 -13.84 -1.67
N ARG B 7 -10.77 -14.05 -0.45
CA ARG B 7 -10.97 -12.98 0.52
C ARG B 7 -9.89 -13.00 1.59
N GLU B 8 -8.83 -13.78 1.39
CA GLU B 8 -7.81 -14.02 2.41
C GLU B 8 -6.96 -12.77 2.67
N PRO B 9 -6.89 -12.28 3.92
CA PRO B 9 -6.03 -11.11 4.23
C PRO B 9 -4.56 -11.50 4.31
N ILE B 10 -3.96 -11.77 3.15
CA ILE B 10 -2.62 -12.34 3.11
C ILE B 10 -1.57 -11.41 3.65
N HIS B 11 -1.90 -10.16 3.92
CA HIS B 11 -0.99 -9.23 4.57
C HIS B 11 -1.12 -9.28 6.08
N LEU B 12 -2.06 -10.05 6.60
CA LEU B 12 -2.34 -10.06 8.03
C LEU B 12 -2.24 -11.47 8.60
N LEU B 13 -1.47 -12.37 7.97
CA LEU B 13 -1.47 -13.77 8.43
C LEU B 13 -0.71 -13.95 9.74
N GLY B 14 0.13 -12.99 10.11
CA GLY B 14 0.81 -13.04 11.38
C GLY B 14 1.99 -13.98 11.45
N GLY B 15 2.61 -14.32 10.32
CA GLY B 15 3.75 -15.21 10.31
C GLY B 15 4.82 -14.77 9.34
N ILE B 16 6.01 -15.34 9.51
CA ILE B 16 7.09 -15.19 8.55
C ILE B 16 7.58 -16.58 8.14
N GLN B 17 8.35 -16.59 7.07
CA GLN B 17 9.03 -17.80 6.64
C GLN B 17 10.18 -18.09 7.60
N SER B 18 10.44 -19.37 7.79
CA SER B 18 11.29 -19.75 8.92
C SER B 18 12.77 -19.47 8.71
N HIS B 19 13.19 -19.04 7.51
CA HIS B 19 14.62 -18.84 7.33
C HIS B 19 15.11 -17.51 7.90
N GLY B 20 14.22 -16.59 8.27
CA GLY B 20 14.64 -15.29 8.75
C GLY B 20 13.98 -14.93 10.08
N VAL B 21 14.29 -13.72 10.54
CA VAL B 21 13.83 -13.23 11.84
C VAL B 21 13.31 -11.80 11.65
N LEU B 22 12.20 -11.49 12.31
CA LEU B 22 11.58 -10.19 12.23
C LEU B 22 11.38 -9.60 13.62
N LEU B 23 11.71 -8.33 13.76
CA LEU B 23 11.44 -7.54 14.96
C LEU B 23 10.72 -6.27 14.52
N ALA B 24 9.83 -5.76 15.37
CA ALA B 24 9.19 -4.47 15.14
C ALA B 24 9.15 -3.69 16.46
N PHE B 25 9.24 -2.37 16.36
CA PHE B 25 9.27 -1.52 17.54
C PHE B 25 8.79 -0.12 17.20
N ARG B 26 8.22 0.55 18.19
CA ARG B 26 7.73 1.91 18.08
C ARG B 26 8.53 2.86 18.97
N GLY B 27 8.20 4.14 18.85
CA GLY B 27 8.62 5.13 19.82
C GLY B 27 10.09 5.46 19.77
N PRO B 28 10.48 6.55 20.43
CA PRO B 28 11.90 6.89 20.52
C PRO B 28 12.68 6.00 21.46
N ASP B 29 12.02 5.33 22.41
CA ASP B 29 12.72 4.33 23.20
C ASP B 29 13.03 3.07 22.39
N ARG B 30 12.40 2.89 21.23
CA ARG B 30 12.60 1.71 20.39
C ARG B 30 12.20 0.43 21.13
N LEU B 31 10.95 0.43 21.61
CA LEU B 31 10.43 -0.66 22.43
C LEU B 31 9.87 -1.77 21.56
N LEU B 32 10.37 -2.99 21.78
CA LEU B 32 9.91 -4.15 21.03
C LEU B 32 8.42 -4.37 21.20
N GLU B 33 7.69 -4.37 20.08
CA GLU B 33 6.27 -4.69 20.08
C GLU B 33 5.93 -5.96 19.32
N VAL B 34 6.74 -6.33 18.34
CA VAL B 34 6.51 -7.53 17.54
C VAL B 34 7.82 -8.31 17.50
N VAL B 35 7.71 -9.64 17.60
CA VAL B 35 8.90 -10.48 17.48
C VAL B 35 8.48 -11.86 17.01
N SER B 36 9.20 -12.40 16.03
CA SER B 36 8.91 -13.72 15.55
C SER B 36 9.33 -14.75 16.61
N ALA B 37 8.57 -15.83 16.70
CA ALA B 37 8.76 -16.80 17.77
C ALA B 37 10.08 -17.55 17.66
N ASN B 38 10.74 -17.50 16.50
CA ASN B 38 12.00 -18.21 16.29
C ASN B 38 13.20 -17.36 16.67
N ALA B 39 12.97 -16.19 17.28
CA ALA B 39 14.05 -15.21 17.39
C ALA B 39 15.15 -15.63 18.38
N GLN B 40 14.92 -16.60 19.27
CA GLN B 40 15.93 -16.85 20.29
C GLN B 40 17.20 -17.41 19.69
N ALA B 41 17.10 -18.28 18.67
CA ALA B 41 18.28 -18.87 18.08
C ALA B 41 19.24 -17.83 17.51
N LEU B 42 18.74 -16.62 17.23
CA LEU B 42 19.59 -15.57 16.70
C LEU B 42 19.92 -14.49 17.71
N LEU B 43 19.03 -14.19 18.64
CA LEU B 43 19.21 -13.07 19.56
C LEU B 43 19.56 -13.50 20.99
N GLY B 44 19.48 -14.79 21.31
CA GLY B 44 19.99 -15.29 22.56
C GLY B 44 19.10 -15.12 23.78
N ARG B 45 17.88 -14.62 23.61
CA ARG B 45 16.89 -14.51 24.68
C ARG B 45 15.55 -15.00 24.16
N PRO B 46 14.62 -15.39 25.05
CA PRO B 46 13.31 -15.82 24.58
C PRO B 46 12.51 -14.62 24.10
N PRO B 47 11.67 -14.81 23.07
CA PRO B 47 10.96 -13.65 22.50
C PRO B 47 10.07 -12.97 23.52
N GLU B 48 9.34 -13.75 24.33
CA GLU B 48 8.46 -13.19 25.35
C GLU B 48 9.24 -12.33 26.33
N THR B 49 10.53 -12.61 26.49
CA THR B 49 11.42 -11.77 27.29
C THR B 49 11.82 -10.50 26.57
N LEU B 50 12.14 -10.58 25.26
CA LEU B 50 12.63 -9.39 24.57
C LEU B 50 11.55 -8.33 24.37
N LEU B 51 10.28 -8.72 24.41
CA LEU B 51 9.22 -7.72 24.28
C LEU B 51 9.31 -6.71 25.41
N GLY B 52 9.12 -5.44 25.04
CA GLY B 52 9.24 -4.33 25.97
C GLY B 52 10.59 -3.68 26.01
N GLN B 53 11.61 -4.32 25.51
CA GLN B 53 12.97 -3.85 25.62
C GLN B 53 13.34 -2.88 24.50
N PRO B 54 14.27 -1.98 24.75
CA PRO B 54 14.82 -1.16 23.66
C PRO B 54 15.71 -2.00 22.77
N VAL B 55 15.84 -1.60 21.51
CA VAL B 55 16.55 -2.43 20.55
C VAL B 55 18.04 -2.44 20.83
N GLY B 56 18.56 -1.35 21.38
CA GLY B 56 19.98 -1.27 21.68
C GLY B 56 20.48 -2.41 22.53
N ARG B 57 19.63 -2.94 23.41
CA ARG B 57 19.95 -4.10 24.22
C ARG B 57 19.19 -5.35 23.76
N VAL B 58 18.85 -5.41 22.47
CA VAL B 58 18.12 -6.54 21.91
C VAL B 58 18.88 -7.10 20.72
N LEU B 59 19.28 -6.20 19.79
CA LEU B 59 19.99 -6.62 18.58
C LEU B 59 21.43 -6.98 18.90
N PRO B 60 22.03 -7.90 18.14
CA PRO B 60 23.48 -8.11 18.25
C PRO B 60 24.23 -6.82 17.92
N ALA B 61 25.41 -6.68 18.52
CA ALA B 61 26.17 -5.45 18.37
C ALA B 61 26.64 -5.22 16.94
N GLU B 62 26.88 -6.29 16.17
CA GLU B 62 27.30 -6.10 14.78
C GLU B 62 26.23 -5.37 13.99
N VAL B 63 24.96 -5.59 14.37
CA VAL B 63 23.86 -4.95 13.67
C VAL B 63 23.76 -3.49 14.06
N LEU B 64 23.78 -3.21 15.37
CA LEU B 64 23.74 -1.84 15.84
C LEU B 64 24.92 -1.04 15.31
N ALA B 65 26.06 -1.69 15.08
CA ALA B 65 27.17 -1.04 14.41
C ALA B 65 26.72 -0.38 13.10
N GLN B 66 26.21 -1.18 12.18
CA GLN B 66 25.78 -0.69 10.87
C GLN B 66 24.43 0.01 10.91
N TRP B 67 23.97 0.46 12.08
CA TRP B 67 22.61 0.97 12.19
C TRP B 67 22.41 2.26 11.41
N GLU B 68 23.48 3.06 11.23
CA GLU B 68 23.35 4.30 10.48
C GLU B 68 23.04 4.05 9.01
N PRO B 69 23.86 3.32 8.24
CA PRO B 69 23.46 3.00 6.87
C PRO B 69 22.24 2.10 6.78
N LEU B 70 21.92 1.33 7.82
CA LEU B 70 20.69 0.53 7.78
C LEU B 70 19.46 1.45 7.76
N VAL B 71 19.45 2.48 8.60
CA VAL B 71 18.39 3.49 8.49
C VAL B 71 18.56 4.29 7.20
N ALA B 72 19.80 4.63 6.85
CA ALA B 72 20.05 5.42 5.65
C ALA B 72 19.63 4.68 4.38
N ARG B 73 20.19 3.48 4.16
CA ARG B 73 20.00 2.79 2.89
C ARG B 73 18.85 1.78 2.93
N GLY B 74 18.31 1.46 4.11
CA GLY B 74 17.28 0.46 4.23
C GLY B 74 17.76 -0.97 4.23
N SER B 75 19.03 -1.21 3.88
CA SER B 75 19.60 -2.55 3.92
C SER B 75 21.08 -2.45 4.20
N VAL B 76 21.63 -3.48 4.84
CA VAL B 76 23.07 -3.57 5.10
C VAL B 76 23.39 -5.05 5.38
N ARG B 77 24.57 -5.48 4.93
CA ARG B 77 25.05 -6.81 5.27
C ARG B 77 25.85 -6.74 6.58
N VAL B 78 25.69 -7.76 7.40
CA VAL B 78 26.39 -7.86 8.67
C VAL B 78 26.86 -9.29 8.84
N VAL B 79 27.96 -9.46 9.58
CA VAL B 79 28.52 -10.78 9.83
C VAL B 79 28.34 -11.05 11.32
N LEU B 80 27.40 -11.95 11.63
CA LEU B 80 27.12 -12.39 12.99
C LEU B 80 27.93 -13.64 13.30
N PRO B 81 28.09 -14.00 14.56
CA PRO B 81 28.67 -15.32 14.86
C PRO B 81 27.97 -16.44 14.11
N ALA B 82 26.65 -16.34 13.87
CA ALA B 82 25.92 -17.37 13.13
C ALA B 82 26.22 -17.38 11.64
N GLY B 83 26.91 -16.36 11.12
CA GLY B 83 27.22 -16.26 9.71
C GLY B 83 26.74 -14.93 9.15
N ALA B 84 26.81 -14.79 7.84
CA ALA B 84 26.43 -13.55 7.18
C ALA B 84 24.91 -13.38 7.15
N TYR B 85 24.47 -12.15 7.34
CA TYR B 85 23.05 -11.84 7.33
C TYR B 85 22.79 -10.57 6.53
N ARG B 86 21.58 -10.48 6.00
CA ARG B 86 21.04 -9.24 5.46
C ARG B 86 20.06 -8.67 6.47
N ALA B 87 20.22 -7.40 6.81
CA ALA B 87 19.28 -6.68 7.65
C ALA B 87 18.48 -5.74 6.76
N LEU B 88 17.16 -5.71 6.97
CA LEU B 88 16.25 -4.97 6.10
C LEU B 88 15.27 -4.22 6.96
N LEU B 89 15.13 -2.91 6.72
CA LEU B 89 14.32 -2.04 7.56
C LEU B 89 13.24 -1.37 6.73
N HIS B 90 12.00 -1.42 7.21
CA HIS B 90 10.93 -0.61 6.63
C HIS B 90 9.96 -0.23 7.73
N GLU B 91 9.02 0.66 7.40
CA GLU B 91 8.01 1.14 8.33
C GLU B 91 6.65 0.58 7.96
N SER B 92 5.86 0.23 8.98
CA SER B 92 4.54 -0.35 8.78
C SER B 92 3.76 -0.20 10.07
N ASP B 93 2.50 0.23 9.95
CA ASP B 93 1.58 0.43 11.09
C ASP B 93 2.17 1.35 12.15
N GLY B 94 3.08 2.25 11.76
CA GLY B 94 3.77 3.07 12.72
C GLY B 94 4.94 2.41 13.41
N LEU B 95 5.15 1.12 13.20
CA LEU B 95 6.33 0.43 13.70
C LEU B 95 7.43 0.48 12.63
N THR B 96 8.67 0.49 13.07
CA THR B 96 9.77 0.22 12.16
C THR B 96 10.13 -1.26 12.30
N VAL B 97 10.10 -1.98 11.17
CA VAL B 97 10.22 -3.43 11.13
C VAL B 97 11.62 -3.77 10.66
N LEU B 98 12.30 -4.67 11.37
CA LEU B 98 13.63 -5.11 11.00
C LEU B 98 13.57 -6.59 10.71
N GLU B 99 14.07 -6.99 9.54
CA GLU B 99 14.07 -8.38 9.09
C GLU B 99 15.52 -8.83 8.88
N LEU B 100 15.87 -9.98 9.48
CA LEU B 100 17.22 -10.55 9.31
C LEU B 100 17.14 -11.84 8.51
N GLU B 101 17.89 -11.90 7.41
CA GLU B 101 17.89 -13.12 6.62
C GLU B 101 19.32 -13.53 6.26
N PRO B 102 19.59 -14.84 6.21
CA PRO B 102 20.94 -15.29 5.90
C PRO B 102 21.36 -14.87 4.51
N ALA B 103 22.67 -14.65 4.35
CA ALA B 103 23.30 -14.22 3.11
C ALA B 103 24.62 -14.96 2.95
N GLU B 104 25.10 -15.02 1.71
CA GLU B 104 26.44 -15.48 1.44
C GLU B 104 27.46 -14.52 2.06
N LEU B 105 28.69 -15.00 2.23
CA LEU B 105 29.72 -14.20 2.88
C LEU B 105 30.30 -13.15 1.93
N GLN B 106 30.64 -12.00 2.50
CA GLN B 106 31.23 -10.88 1.76
C GLN B 106 32.53 -10.44 2.40
N PRO B 107 33.69 -10.75 1.79
CA PRO B 107 35.07 -10.41 2.23
C PRO B 107 35.19 -9.06 2.95
N GLY B 129 9.39 -8.28 -31.23
CA GLY B 129 8.08 -8.07 -30.62
C GLY B 129 8.04 -8.29 -29.11
N THR B 130 6.85 -8.12 -28.53
CA THR B 130 6.71 -8.21 -27.08
C THR B 130 6.97 -9.63 -26.57
N GLN B 131 6.50 -10.65 -27.29
CA GLN B 131 6.78 -12.02 -26.86
C GLN B 131 8.28 -12.30 -26.91
N ALA B 132 8.98 -11.78 -27.92
CA ALA B 132 10.40 -11.98 -28.03
C ALA B 132 11.16 -11.28 -26.91
N LEU B 133 10.72 -10.10 -26.52
CA LEU B 133 11.35 -9.41 -25.40
C LEU B 133 11.18 -10.20 -24.11
N LEU B 134 9.97 -10.72 -23.85
CA LEU B 134 9.76 -11.48 -22.64
C LEU B 134 10.39 -12.87 -22.71
N GLN B 135 10.64 -13.39 -23.92
CA GLN B 135 11.40 -14.63 -24.03
C GLN B 135 12.83 -14.44 -23.54
N THR B 136 13.49 -13.34 -23.94
CA THR B 136 14.85 -13.09 -23.44
C THR B 136 14.83 -12.80 -21.96
N ALA B 137 13.79 -12.11 -21.48
CA ALA B 137 13.65 -11.88 -20.04
C ALA B 137 13.57 -13.20 -19.28
N ALA B 138 12.73 -14.12 -19.75
CA ALA B 138 12.68 -15.46 -19.16
C ALA B 138 14.05 -16.15 -19.13
N ASP B 139 14.79 -16.16 -20.25
CA ASP B 139 16.12 -16.79 -20.26
C ASP B 139 17.11 -16.03 -19.39
N THR B 140 16.96 -14.71 -19.29
CA THR B 140 17.88 -13.95 -18.45
C THR B 140 17.65 -14.25 -16.96
N VAL B 141 16.40 -14.31 -16.53
CA VAL B 141 16.11 -14.60 -15.13
C VAL B 141 16.48 -16.04 -14.77
N ARG B 142 16.23 -16.99 -15.66
CA ARG B 142 16.65 -18.37 -15.38
C ARG B 142 18.17 -18.48 -15.21
N ALA B 143 18.93 -17.72 -15.99
CA ALA B 143 20.38 -17.70 -15.80
C ALA B 143 20.78 -17.00 -14.50
N LEU B 144 20.04 -15.95 -14.09
CA LEU B 144 20.43 -15.23 -12.88
C LEU B 144 20.09 -16.02 -11.62
N THR B 145 18.93 -16.69 -11.59
CA THR B 145 18.50 -17.43 -10.42
C THR B 145 19.03 -18.86 -10.37
N GLY B 146 19.26 -19.47 -11.53
CA GLY B 146 19.56 -20.88 -11.59
C GLY B 146 18.36 -21.77 -11.38
N PHE B 147 17.15 -21.23 -11.23
CA PHE B 147 15.99 -22.07 -10.96
C PHE B 147 15.61 -22.90 -12.19
N ASP B 148 15.09 -24.10 -11.92
CA ASP B 148 14.73 -25.06 -12.96
C ASP B 148 13.85 -24.47 -14.05
N ARG B 149 12.80 -23.74 -13.65
CA ARG B 149 11.80 -23.26 -14.59
C ARG B 149 11.49 -21.80 -14.30
N VAL B 150 11.28 -21.04 -15.37
CA VAL B 150 10.90 -19.63 -15.30
C VAL B 150 9.73 -19.41 -16.27
N MET B 151 8.66 -18.79 -15.78
CA MET B 151 7.47 -18.49 -16.59
C MET B 151 7.17 -16.99 -16.58
N VAL B 152 6.74 -16.47 -17.73
CA VAL B 152 6.33 -15.07 -17.85
C VAL B 152 4.83 -15.05 -18.10
N TYR B 153 4.07 -14.46 -17.17
CA TYR B 153 2.65 -14.26 -17.36
C TYR B 153 2.39 -12.81 -17.73
N ARG B 154 1.45 -12.58 -18.64
CA ARG B 154 0.91 -11.26 -18.88
C ARG B 154 -0.56 -11.27 -18.49
N PHE B 155 -0.98 -10.26 -17.75
CA PHE B 155 -2.36 -10.21 -17.29
C PHE B 155 -3.23 -9.60 -18.38
N ASP B 156 -4.33 -10.27 -18.71
CA ASP B 156 -5.26 -9.74 -19.68
C ASP B 156 -6.24 -8.79 -18.97
N ALA B 157 -7.31 -8.38 -19.65
CA ALA B 157 -8.24 -7.40 -19.09
C ALA B 157 -9.08 -7.94 -17.93
N ASP B 158 -9.24 -9.26 -17.84
CA ASP B 158 -9.90 -9.87 -16.69
C ASP B 158 -8.91 -10.25 -15.60
N TRP B 159 -7.68 -9.75 -15.68
CA TRP B 159 -6.61 -10.05 -14.73
C TRP B 159 -6.35 -11.56 -14.63
N HIS B 160 -6.56 -12.29 -15.73
CA HIS B 160 -6.06 -13.64 -15.89
C HIS B 160 -4.65 -13.56 -16.45
N GLY B 161 -3.74 -14.32 -15.87
CA GLY B 161 -2.38 -14.43 -16.36
C GLY B 161 -2.26 -15.40 -17.51
N GLU B 162 -1.73 -14.95 -18.63
CA GLU B 162 -1.52 -15.78 -19.81
C GLU B 162 -0.03 -16.09 -19.92
N VAL B 163 0.31 -17.37 -20.04
CA VAL B 163 1.71 -17.75 -20.23
C VAL B 163 2.20 -17.27 -21.58
N LEU B 164 3.26 -16.47 -21.58
CA LEU B 164 3.75 -15.80 -22.76
C LEU B 164 5.18 -16.20 -23.15
N ALA B 165 5.94 -16.79 -22.24
CA ALA B 165 7.28 -17.24 -22.53
C ALA B 165 7.70 -18.17 -21.41
N GLU B 166 8.58 -19.10 -21.74
CA GLU B 166 9.05 -20.09 -20.79
C GLU B 166 10.52 -20.35 -21.04
N SER B 167 11.30 -20.39 -19.96
CA SER B 167 12.68 -20.85 -20.02
C SER B 167 12.81 -21.93 -18.95
N LYS B 168 13.42 -23.05 -19.32
CA LYS B 168 13.54 -24.17 -18.39
C LYS B 168 14.61 -25.14 -18.86
N ARG B 169 15.20 -25.83 -17.89
CA ARG B 169 16.20 -26.87 -18.13
C ARG B 169 15.65 -28.05 -18.93
N GLY B 170 16.58 -28.81 -19.50
CA GLY B 170 16.20 -30.02 -20.23
C GLY B 170 15.55 -31.04 -19.31
N GLY B 171 14.47 -31.66 -19.80
CA GLY B 171 13.80 -32.75 -19.13
C GLY B 171 13.21 -32.34 -17.78
N MET B 172 11.92 -32.05 -17.74
CA MET B 172 11.34 -31.34 -16.60
C MET B 172 10.30 -32.19 -15.88
N ASP B 173 10.25 -32.00 -14.56
CA ASP B 173 9.17 -32.54 -13.72
C ASP B 173 7.91 -31.70 -13.90
N GLY B 174 8.03 -30.38 -13.69
CA GLY B 174 6.95 -29.45 -13.97
C GLY B 174 6.92 -29.08 -15.45
N PHE B 175 7.02 -30.09 -16.33
CA PHE B 175 7.04 -29.88 -17.78
C PHE B 175 5.91 -28.96 -18.23
N LEU B 176 6.26 -28.02 -19.12
CA LEU B 176 5.36 -27.11 -19.83
C LEU B 176 4.08 -26.82 -19.05
N GLY B 177 4.15 -25.86 -18.13
CA GLY B 177 3.00 -25.49 -17.33
C GLY B 177 2.20 -24.35 -17.92
N MET B 178 1.89 -24.39 -19.21
CA MET B 178 1.28 -23.22 -19.84
C MET B 178 -0.23 -23.12 -19.55
N HIS B 179 -0.68 -23.83 -18.51
CA HIS B 179 -2.03 -23.67 -18.01
C HIS B 179 -2.15 -22.27 -17.38
N PHE B 180 -3.21 -21.54 -17.76
CA PHE B 180 -3.39 -20.15 -17.33
C PHE B 180 -3.85 -20.06 -15.86
N PRO B 181 -3.32 -19.09 -15.08
CA PRO B 181 -3.96 -18.73 -13.81
C PRO B 181 -5.17 -17.80 -13.96
N ALA B 182 -6.36 -18.38 -14.13
CA ALA B 182 -7.53 -17.61 -14.54
C ALA B 182 -8.31 -17.11 -13.33
N THR B 183 -9.44 -17.74 -13.01
CA THR B 183 -10.15 -17.41 -11.78
C THR B 183 -9.23 -17.81 -10.61
N ASP B 184 -8.20 -17.00 -10.42
CA ASP B 184 -6.99 -17.48 -9.78
C ASP B 184 -6.44 -16.45 -8.82
N ILE B 185 -5.56 -15.58 -9.32
CA ILE B 185 -4.73 -14.80 -8.41
C ILE B 185 -5.59 -13.70 -7.82
N PRO B 186 -5.90 -13.76 -6.53
CA PRO B 186 -6.82 -12.79 -5.91
C PRO B 186 -6.25 -11.37 -5.92
N VAL B 187 -7.16 -10.41 -5.75
CA VAL B 187 -6.76 -9.01 -5.82
C VAL B 187 -5.70 -8.69 -4.77
N GLN B 188 -5.81 -9.29 -3.59
CA GLN B 188 -4.85 -8.96 -2.53
C GLN B 188 -3.44 -9.41 -2.91
N ALA B 189 -3.34 -10.55 -3.62
CA ALA B 189 -2.03 -10.99 -4.09
C ALA B 189 -1.50 -10.07 -5.20
N ARG B 190 -2.36 -9.68 -6.14
CA ARG B 190 -1.93 -8.75 -7.19
C ARG B 190 -1.57 -7.39 -6.64
N ALA B 191 -2.19 -6.97 -5.54
CA ALA B 191 -1.85 -5.68 -4.97
C ALA B 191 -0.45 -5.71 -4.38
N LEU B 192 -0.08 -6.83 -3.78
CA LEU B 192 1.26 -6.96 -3.23
C LEU B 192 2.30 -7.12 -4.32
N TYR B 193 1.95 -7.79 -5.42
CA TYR B 193 2.87 -7.86 -6.55
C TYR B 193 3.13 -6.48 -7.13
N THR B 194 2.13 -5.60 -7.06
CA THR B 194 2.29 -4.23 -7.53
C THR B 194 3.19 -3.44 -6.59
N ARG B 195 3.04 -3.64 -5.29
CA ARG B 195 3.82 -2.85 -4.35
C ARG B 195 5.24 -3.39 -4.13
N ASN B 196 5.51 -4.66 -4.41
CA ASN B 196 6.86 -5.19 -4.22
C ASN B 196 7.38 -5.77 -5.53
N PRO B 197 8.54 -5.32 -6.04
CA PRO B 197 9.07 -5.92 -7.27
C PRO B 197 9.52 -7.38 -7.13
N LEU B 198 10.03 -7.80 -5.99
CA LEU B 198 10.55 -9.18 -5.80
C LEU B 198 9.83 -9.89 -4.66
N ARG B 199 9.49 -11.17 -4.86
CA ARG B 199 8.87 -12.00 -3.84
C ARG B 199 9.54 -13.37 -3.80
N LEU B 200 10.07 -13.77 -2.65
CA LEU B 200 10.77 -15.05 -2.53
C LEU B 200 10.08 -15.93 -1.49
N ILE B 201 9.67 -17.13 -1.91
CA ILE B 201 9.27 -18.22 -1.02
C ILE B 201 10.44 -19.20 -1.01
N ALA B 202 11.23 -19.21 0.07
CA ALA B 202 12.49 -19.96 0.09
C ALA B 202 12.26 -21.48 0.04
N ASP B 203 11.20 -21.97 0.67
CA ASP B 203 10.98 -23.42 0.69
C ASP B 203 9.52 -23.68 0.99
N ALA B 204 8.77 -24.15 -0.01
CA ALA B 204 7.35 -24.40 0.21
C ALA B 204 7.11 -25.58 1.16
N ARG B 205 8.14 -26.37 1.48
CA ARG B 205 7.95 -27.41 2.50
C ARG B 205 8.24 -26.91 3.90
N ALA B 206 8.84 -25.73 4.05
CA ALA B 206 9.11 -25.20 5.37
C ALA B 206 7.80 -24.76 6.02
N ARG B 207 7.85 -24.52 7.34
CA ARG B 207 6.72 -24.18 8.21
C ARG B 207 6.73 -22.69 8.56
N PRO B 208 5.59 -22.01 8.53
CA PRO B 208 5.58 -20.60 8.91
C PRO B 208 5.86 -20.46 10.39
N VAL B 209 6.48 -19.35 10.75
CA VAL B 209 6.82 -19.03 12.14
C VAL B 209 5.90 -17.91 12.60
N PRO B 210 5.16 -18.10 13.70
CA PRO B 210 4.21 -17.06 14.14
C PRO B 210 4.88 -15.82 14.70
N LEU B 211 4.23 -14.68 14.48
CA LEU B 211 4.66 -13.42 15.09
C LEU B 211 4.00 -13.25 16.46
N LEU B 212 4.76 -12.74 17.43
CA LEU B 212 4.31 -12.56 18.80
C LEU B 212 4.28 -11.09 19.19
N PRO B 213 3.21 -10.61 19.87
CA PRO B 213 1.97 -11.33 20.26
C PRO B 213 1.07 -11.60 19.06
N PRO B 214 0.10 -12.51 19.15
CA PRO B 214 -0.71 -12.83 17.96
C PRO B 214 -1.42 -11.63 17.34
N VAL B 215 -1.86 -10.66 18.13
CA VAL B 215 -2.35 -9.41 17.59
C VAL B 215 -1.58 -8.28 18.25
N VAL B 216 -1.27 -7.24 17.49
CA VAL B 216 -0.52 -6.11 18.05
C VAL B 216 -1.47 -5.32 18.95
N PRO B 217 -1.13 -5.16 20.24
CA PRO B 217 -2.09 -4.55 21.17
C PRO B 217 -2.58 -3.18 20.71
N ALA B 218 -1.67 -2.33 20.23
CA ALA B 218 -2.06 -1.02 19.74
C ALA B 218 -2.96 -1.10 18.51
N LEU B 219 -3.02 -2.24 17.83
CA LEU B 219 -3.69 -2.33 16.53
C LEU B 219 -4.94 -3.18 16.53
N GLY B 220 -5.08 -4.12 17.47
CA GLY B 220 -6.20 -5.05 17.44
C GLY B 220 -6.15 -6.09 16.34
N ARG B 221 -5.01 -6.23 15.68
CA ARG B 221 -4.83 -7.17 14.57
C ARG B 221 -3.33 -7.46 14.45
N PRO B 222 -2.94 -8.41 13.60
CA PRO B 222 -1.50 -8.65 13.38
C PRO B 222 -0.84 -7.51 12.62
N LEU B 223 0.48 -7.43 12.77
CA LEU B 223 1.26 -6.47 11.99
C LEU B 223 1.03 -6.64 10.49
N ASP B 224 0.85 -5.52 9.79
CA ASP B 224 0.67 -5.53 8.34
C ASP B 224 2.00 -5.85 7.66
N LEU B 225 2.04 -6.97 6.92
CA LEU B 225 3.24 -7.47 6.27
C LEU B 225 3.27 -7.20 4.76
N SER B 226 2.55 -6.17 4.29
CA SER B 226 2.51 -5.86 2.86
C SER B 226 3.91 -5.72 2.25
N ASN B 227 4.82 -5.03 2.94
CA ASN B 227 6.15 -4.79 2.37
C ASN B 227 7.24 -5.62 3.03
N SER B 228 6.89 -6.76 3.63
CA SER B 228 7.84 -7.61 4.35
C SER B 228 8.49 -8.64 3.43
N ALA B 229 9.81 -8.76 3.51
CA ALA B 229 10.52 -9.73 2.71
C ALA B 229 10.23 -11.15 3.16
N LEU B 230 10.03 -11.34 4.46
CA LEU B 230 9.88 -12.64 5.08
C LEU B 230 8.42 -13.08 5.23
N ARG B 231 7.48 -12.27 4.76
CA ARG B 231 6.05 -12.54 4.88
C ARG B 231 5.71 -13.97 4.48
N SER B 232 5.03 -14.69 5.36
CA SER B 232 4.63 -16.07 5.11
C SER B 232 3.62 -16.13 3.97
N VAL B 233 3.26 -17.34 3.58
CA VAL B 233 2.53 -17.60 2.36
C VAL B 233 1.17 -18.18 2.70
N SER B 234 0.15 -17.73 1.95
CA SER B 234 -1.19 -18.28 2.04
C SER B 234 -1.13 -19.81 2.06
N PRO B 235 -1.72 -20.48 3.05
CA PRO B 235 -1.65 -21.95 3.07
C PRO B 235 -2.14 -22.60 1.79
N VAL B 236 -3.19 -22.06 1.16
CA VAL B 236 -3.70 -22.70 -0.05
C VAL B 236 -2.67 -22.62 -1.18
N HIS B 237 -1.94 -21.51 -1.31
CA HIS B 237 -0.94 -21.43 -2.38
C HIS B 237 0.30 -22.24 -2.06
N LEU B 238 0.68 -22.28 -0.77
CA LEU B 238 1.81 -23.11 -0.38
C LEU B 238 1.52 -24.57 -0.68
N GLU B 239 0.28 -25.01 -0.45
CA GLU B 239 -0.10 -26.39 -0.75
C GLU B 239 -0.09 -26.65 -2.25
N TYR B 240 -0.50 -25.66 -3.05
CA TYR B 240 -0.46 -25.86 -4.49
C TYR B 240 0.97 -25.96 -4.99
N LEU B 241 1.89 -25.17 -4.42
CA LEU B 241 3.30 -25.34 -4.75
C LEU B 241 3.81 -26.73 -4.38
N ARG B 242 3.46 -27.24 -3.17
CA ARG B 242 3.97 -28.55 -2.75
C ARG B 242 3.51 -29.65 -3.70
N ASN B 243 2.25 -29.60 -4.14
CA ASN B 243 1.71 -30.62 -5.03
C ASN B 243 2.49 -30.68 -6.34
N MET B 244 3.13 -29.58 -6.73
CA MET B 244 3.93 -29.53 -7.95
C MET B 244 5.37 -29.99 -7.73
N GLY B 245 5.73 -30.35 -6.50
CA GLY B 245 7.11 -30.63 -6.21
C GLY B 245 7.98 -29.39 -6.18
N VAL B 246 7.38 -28.21 -6.03
CA VAL B 246 8.16 -26.99 -5.98
C VAL B 246 8.70 -26.81 -4.57
N GLY B 247 10.00 -26.57 -4.46
CA GLY B 247 10.61 -26.16 -3.21
C GLY B 247 10.69 -24.65 -3.11
N ALA B 248 11.54 -24.04 -3.94
CA ALA B 248 11.66 -22.59 -3.95
C ALA B 248 10.81 -21.95 -5.05
N SER B 249 10.33 -20.75 -4.77
CA SER B 249 9.56 -19.95 -5.72
C SER B 249 10.01 -18.49 -5.62
N PHE B 250 10.37 -17.89 -6.76
CA PHE B 250 10.91 -16.53 -6.80
C PHE B 250 10.23 -15.76 -7.92
N SER B 251 9.56 -14.64 -7.59
CA SER B 251 8.69 -13.93 -8.53
C SER B 251 9.20 -12.52 -8.79
N LEU B 252 9.09 -12.07 -10.05
CA LEU B 252 9.45 -10.70 -10.42
C LEU B 252 8.21 -10.04 -10.99
N SER B 253 7.84 -8.87 -10.46
CA SER B 253 6.65 -8.17 -10.93
C SER B 253 7.00 -7.27 -12.10
N LEU B 254 6.23 -7.36 -13.18
CA LEU B 254 6.39 -6.52 -14.36
C LEU B 254 5.35 -5.42 -14.30
N LEU B 255 5.79 -4.19 -14.10
CA LEU B 255 4.93 -3.02 -14.11
C LEU B 255 5.07 -2.29 -15.43
N LYS B 256 3.97 -1.68 -15.87
CA LYS B 256 3.97 -0.74 -16.97
C LYS B 256 3.32 0.55 -16.49
N GLU B 257 4.06 1.65 -16.51
CA GLU B 257 3.56 2.93 -16.06
C GLU B 257 2.94 2.79 -14.68
N GLY B 258 3.67 2.13 -13.77
CA GLY B 258 3.26 2.01 -12.39
C GLY B 258 2.09 1.07 -12.14
N VAL B 259 1.58 0.40 -13.17
CA VAL B 259 0.47 -0.52 -13.08
C VAL B 259 0.96 -1.93 -13.37
N LEU B 260 0.46 -2.90 -12.60
CA LEU B 260 0.88 -4.29 -12.76
C LEU B 260 0.50 -4.80 -14.14
N TRP B 261 1.49 -5.32 -14.85
CA TRP B 261 1.35 -5.82 -16.21
C TRP B 261 1.59 -7.32 -16.33
N GLY B 262 2.46 -7.87 -15.51
CA GLY B 262 2.76 -9.28 -15.66
C GLY B 262 3.66 -9.73 -14.54
N LEU B 263 4.02 -11.00 -14.60
CA LEU B 263 4.78 -11.63 -13.53
C LEU B 263 5.78 -12.61 -14.13
N ILE B 264 7.02 -12.55 -13.68
CA ILE B 264 8.00 -13.59 -13.99
C ILE B 264 8.09 -14.50 -12.77
N ALA B 265 7.68 -15.76 -12.93
CA ALA B 265 7.58 -16.71 -11.84
C ALA B 265 8.63 -17.81 -12.03
N CYS B 266 9.55 -17.93 -11.07
CA CYS B 266 10.61 -18.93 -11.08
C CYS B 266 10.32 -20.04 -10.08
N HIS B 267 10.42 -21.29 -10.53
CA HIS B 267 10.18 -22.46 -9.70
C HIS B 267 11.39 -23.39 -9.73
N HIS B 268 11.77 -23.87 -8.54
CA HIS B 268 12.87 -24.80 -8.35
C HIS B 268 12.42 -25.94 -7.44
N LEU B 269 12.85 -27.17 -7.77
CA LEU B 269 12.39 -28.34 -7.05
C LEU B 269 12.92 -28.43 -5.63
N GLU B 270 13.92 -27.64 -5.27
CA GLU B 270 14.41 -27.63 -3.89
C GLU B 270 14.85 -26.21 -3.56
N PRO B 271 15.17 -25.94 -2.30
CA PRO B 271 15.77 -24.64 -1.96
C PRO B 271 17.06 -24.38 -2.74
N LEU B 272 17.22 -23.12 -3.14
CA LEU B 272 18.43 -22.67 -3.82
C LEU B 272 18.59 -21.18 -3.54
N HIS B 273 19.60 -20.84 -2.74
CA HIS B 273 19.85 -19.44 -2.44
C HIS B 273 20.12 -18.67 -3.73
N ILE B 274 19.58 -17.47 -3.85
CA ILE B 274 19.84 -16.72 -5.08
C ILE B 274 21.03 -15.76 -4.92
N SER B 275 21.13 -15.06 -3.79
CA SER B 275 22.28 -14.19 -3.47
C SER B 275 22.02 -12.75 -3.93
N HIS B 276 22.48 -11.79 -3.13
CA HIS B 276 21.96 -10.42 -3.23
C HIS B 276 22.31 -9.79 -4.56
N GLU B 277 23.57 -9.95 -4.99
CA GLU B 277 24.02 -9.46 -6.30
C GLU B 277 23.03 -9.84 -7.39
N ARG B 278 22.61 -11.12 -7.46
CA ARG B 278 21.74 -11.58 -8.53
C ARG B 278 20.26 -11.26 -8.28
N ARG B 279 19.85 -11.08 -7.02
CA ARG B 279 18.53 -10.49 -6.76
C ARG B 279 18.49 -9.05 -7.25
N ARG B 280 19.50 -8.28 -6.90
CA ARG B 280 19.53 -6.88 -7.32
C ARG B 280 19.54 -6.76 -8.84
N ALA B 281 20.27 -7.65 -9.52
CA ALA B 281 20.23 -7.71 -10.98
C ALA B 281 18.83 -8.06 -11.47
N CYS B 282 18.13 -8.92 -10.74
CA CYS B 282 16.77 -9.26 -11.11
C CYS B 282 15.86 -8.04 -11.03
N GLU B 283 16.02 -7.26 -9.98
CA GLU B 283 15.17 -6.09 -9.82
C GLU B 283 15.49 -5.04 -10.89
N VAL B 284 16.76 -4.81 -11.18
CA VAL B 284 17.10 -3.85 -12.22
C VAL B 284 16.49 -4.26 -13.56
N LEU B 285 16.48 -5.56 -13.86
CA LEU B 285 15.88 -6.01 -15.11
C LEU B 285 14.39 -5.66 -15.16
N THR B 286 13.66 -5.81 -14.04
CA THR B 286 12.25 -5.43 -14.07
C THR B 286 12.09 -3.93 -14.31
N GLN B 287 13.00 -3.12 -13.78
CA GLN B 287 12.97 -1.69 -14.08
C GLN B 287 13.29 -1.41 -15.54
N LEU B 288 14.32 -2.08 -16.07
CA LEU B 288 14.64 -1.90 -17.49
C LEU B 288 13.47 -2.33 -18.35
N LEU B 289 12.83 -3.46 -18.01
CA LEU B 289 11.70 -3.91 -18.82
C LEU B 289 10.53 -2.94 -18.75
N ALA B 290 10.30 -2.32 -17.59
CA ALA B 290 9.20 -1.35 -17.47
C ALA B 290 9.42 -0.14 -18.41
N LEU B 291 10.68 0.31 -18.56
CA LEU B 291 10.95 1.36 -19.54
C LEU B 291 10.58 0.91 -20.95
N GLN B 292 11.01 -0.29 -21.34
CA GLN B 292 10.76 -0.76 -22.70
C GLN B 292 9.29 -0.96 -22.99
N LEU B 293 8.49 -1.34 -21.99
CA LEU B 293 7.06 -1.58 -22.22
C LEU B 293 6.28 -0.28 -22.38
N SER B 294 6.74 0.82 -21.78
CA SER B 294 6.07 2.12 -21.87
C SER B 294 6.61 2.98 -23.01
N ALA B 295 7.93 3.15 -23.05
CA ALA B 295 8.55 3.98 -24.07
C ALA B 295 8.30 3.44 -25.48
N GLU B 296 7.84 2.19 -25.60
CA GLU B 296 7.51 1.63 -26.90
C GLU B 296 6.43 2.42 -27.60
N GLU B 297 5.61 3.15 -26.83
CA GLU B 297 4.60 4.03 -27.40
C GLU B 297 5.11 5.46 -27.46
N ARG B 298 5.13 6.16 -26.32
CA ARG B 298 5.63 7.52 -26.26
C ARG B 298 7.13 7.53 -25.99
#